data_5SVR
#
_entry.id   5SVR
#
_cell.length_a   123.170
_cell.length_b   123.170
_cell.length_c   237.460
_cell.angle_alpha   90.00
_cell.angle_beta   90.00
_cell.angle_gamma   120.00
#
_symmetry.space_group_name_H-M   'H 3 2'
#
loop_
_entity.id
_entity.type
_entity.pdbx_description
1 polymer 'P2X purinoceptor 3'
2 non-polymer 2-acetamido-2-deoxy-beta-D-glucopyranose
3 non-polymer 'MAGNESIUM ION'
4 non-polymer 'SODIUM ION'
5 non-polymer '5-{[(3-phenoxyphenyl)methyl][(1S)-1,2,3,4-tetrahydronaphthalen-1-yl]carbamoyl}benzene-1,2,4-tricarboxylic acid'
6 water water
#
_entity_poly.entity_id   1
_entity_poly.type   'polypeptide(L)'
_entity_poly.pdbx_seq_one_letter_code
;GSRADFFTYETPKVIVVKSWTIGIINRVVQLLIISYFVGWVFLHEKAYQVRDTAIESSVVTKVKGSGLYANRVMDVSDYV
TPPQGTSVFVIITKMIVTENQMQGFCPESEEKYRCVSDSQCGPERLPGGGILTGRCVNYSSVLRTCEIQGWCPTEVDTVE
TPIMMEAENFTIFIKNSIRFPLFNFEKGNLLPNLTARDMKTCRFHPDKDPFCPILRVGDVVKFAGQDFAKLARTGGVLGI
KIGWVCDLDKAWDQCIPKYSFTRLDSVSEKSSVSPGYNFRFAKYYKMENGSEYRTLLKAFGIRFDVLVYGNAGKFNIIPT
IISSVAAFTSVGVGTVLCDIILLNFLKGADQYKAKKFEEVNET
;
_entity_poly.pdbx_strand_id   A
#
loop_
_chem_comp.id
_chem_comp.type
_chem_comp.name
_chem_comp.formula
71C non-polymer '5-{[(3-phenoxyphenyl)methyl][(1S)-1,2,3,4-tetrahydronaphthalen-1-yl]carbamoyl}benzene-1,2,4-tricarboxylic acid' 'C33 H27 N O8'
MG non-polymer 'MAGNESIUM ION' 'Mg 2'
NA non-polymer 'SODIUM ION' 'Na 1'
NAG D-saccharide, beta linking 2-acetamido-2-deoxy-beta-D-glucopyranose 'C8 H15 N O6'
#
# COMPACT_ATOMS: atom_id res chain seq x y z
N TRP A 20 24.90 -40.52 -48.04
CA TRP A 20 23.68 -41.28 -47.75
C TRP A 20 22.51 -40.33 -47.49
N THR A 21 21.33 -40.72 -47.99
CA THR A 21 20.15 -39.89 -47.80
C THR A 21 19.73 -39.84 -46.34
N ILE A 22 19.94 -40.93 -45.59
CA ILE A 22 19.55 -40.95 -44.19
C ILE A 22 20.28 -39.87 -43.40
N GLY A 23 21.53 -39.57 -43.78
CA GLY A 23 22.27 -38.53 -43.09
C GLY A 23 21.54 -37.19 -43.09
N ILE A 24 20.90 -36.84 -44.20
CA ILE A 24 20.11 -35.61 -44.25
C ILE A 24 18.72 -35.79 -43.65
N ILE A 25 18.22 -37.02 -43.58
CA ILE A 25 16.98 -37.26 -42.83
C ILE A 25 17.22 -37.22 -41.34
N ASN A 26 18.41 -37.63 -40.88
CA ASN A 26 18.75 -37.44 -39.48
C ASN A 26 19.00 -35.98 -39.15
N ARG A 27 19.73 -35.27 -40.02
CA ARG A 27 19.95 -33.85 -39.76
C ARG A 27 18.67 -33.05 -39.88
N VAL A 28 17.84 -33.35 -40.89
CA VAL A 28 16.59 -32.61 -41.06
C VAL A 28 15.69 -32.81 -39.85
N VAL A 29 15.60 -34.05 -39.34
CA VAL A 29 14.82 -34.26 -38.12
C VAL A 29 15.46 -33.53 -36.97
N GLN A 30 16.79 -33.61 -36.87
CA GLN A 30 17.54 -32.86 -35.88
C GLN A 30 17.19 -31.38 -35.91
N LEU A 31 17.24 -30.77 -37.09
CA LEU A 31 16.98 -29.34 -37.21
C LEU A 31 15.54 -29.02 -36.86
N LEU A 32 14.61 -29.87 -37.28
CA LEU A 32 13.20 -29.67 -36.98
C LEU A 32 12.98 -29.67 -35.47
N ILE A 33 13.45 -30.72 -34.79
CA ILE A 33 13.19 -30.88 -33.37
C ILE A 33 13.88 -29.75 -32.59
N ILE A 34 15.20 -29.62 -32.76
CA ILE A 34 15.94 -28.62 -32.01
C ILE A 34 15.32 -27.24 -32.24
N SER A 35 15.06 -26.90 -33.51
CA SER A 35 14.45 -25.62 -33.83
C SER A 35 13.08 -25.45 -33.16
N TYR A 36 12.39 -26.56 -32.87
CA TYR A 36 11.12 -26.48 -32.16
C TYR A 36 11.30 -26.09 -30.70
N PHE A 37 12.28 -26.69 -30.03
CA PHE A 37 12.57 -26.29 -28.65
C PHE A 37 12.87 -24.80 -28.57
N VAL A 38 13.90 -24.36 -29.30
CA VAL A 38 14.27 -22.95 -29.31
C VAL A 38 13.08 -22.07 -29.67
N GLY A 39 12.34 -22.45 -30.72
CA GLY A 39 11.23 -21.62 -31.17
C GLY A 39 10.19 -21.38 -30.10
N TRP A 40 9.75 -22.45 -29.43
CA TRP A 40 8.74 -22.28 -28.39
C TRP A 40 9.27 -21.43 -27.24
N VAL A 41 10.55 -21.60 -26.89
CA VAL A 41 11.12 -20.84 -25.79
C VAL A 41 11.08 -19.34 -26.09
N PHE A 42 11.64 -18.94 -27.23
CA PHE A 42 11.65 -17.51 -27.56
C PHE A 42 10.23 -16.98 -27.73
N LEU A 43 9.34 -17.78 -28.32
CA LEU A 43 7.96 -17.32 -28.49
C LEU A 43 7.24 -17.20 -27.15
N HIS A 44 7.63 -18.01 -26.17
CA HIS A 44 6.97 -17.98 -24.87
C HIS A 44 7.32 -16.72 -24.10
N GLU A 45 8.59 -16.32 -24.12
CA GLU A 45 9.05 -15.16 -23.36
C GLU A 45 8.82 -13.85 -24.08
N LYS A 46 8.14 -13.86 -25.22
CA LYS A 46 7.87 -12.64 -25.98
C LYS A 46 9.19 -11.92 -26.30
N ALA A 47 10.20 -12.70 -26.66
CA ALA A 47 11.52 -12.16 -26.95
C ALA A 47 11.51 -11.18 -28.12
N TYR A 48 10.43 -11.15 -28.89
CA TYR A 48 10.26 -10.24 -30.00
C TYR A 48 9.64 -8.91 -29.59
N GLN A 49 9.44 -8.70 -28.29
CA GLN A 49 8.72 -7.53 -27.78
C GLN A 49 9.67 -6.62 -27.03
N VAL A 50 9.57 -5.32 -27.31
CA VAL A 50 10.11 -4.30 -26.42
C VAL A 50 9.14 -4.06 -25.28
N ARG A 51 9.66 -3.77 -24.10
CA ARG A 51 8.85 -3.70 -22.89
C ARG A 51 8.94 -2.31 -22.28
N ASP A 52 7.79 -1.76 -21.91
CA ASP A 52 7.68 -0.50 -21.18
C ASP A 52 7.24 -0.81 -19.75
N THR A 53 8.14 -0.62 -18.80
CA THR A 53 7.86 -0.90 -17.40
C THR A 53 7.73 0.37 -16.57
N ALA A 54 7.54 1.52 -17.22
CA ALA A 54 7.39 2.78 -16.50
C ALA A 54 5.98 3.32 -16.65
N ILE A 55 4.99 2.56 -16.16
CA ILE A 55 3.60 3.00 -16.27
C ILE A 55 3.44 4.37 -15.63
N GLU A 56 2.49 5.14 -16.15
CA GLU A 56 2.22 6.50 -15.67
C GLU A 56 0.76 6.56 -15.23
N SER A 57 0.53 6.47 -13.93
CA SER A 57 -0.81 6.29 -13.40
C SER A 57 -1.27 7.50 -12.59
N SER A 58 -2.57 7.74 -12.63
CA SER A 58 -3.24 8.69 -11.75
C SER A 58 -4.34 7.94 -11.01
N VAL A 59 -4.46 8.19 -9.71
CA VAL A 59 -5.42 7.49 -8.87
C VAL A 59 -6.27 8.54 -8.17
N VAL A 60 -7.58 8.40 -8.31
CA VAL A 60 -8.55 9.23 -7.60
C VAL A 60 -9.48 8.30 -6.81
N THR A 61 -9.52 8.51 -5.50
CA THR A 61 -10.29 7.69 -4.59
C THR A 61 -11.44 8.45 -3.93
N LYS A 62 -12.49 7.70 -3.61
CA LYS A 62 -13.69 8.21 -2.96
C LYS A 62 -14.13 7.19 -1.92
N VAL A 63 -14.20 7.61 -0.66
CA VAL A 63 -14.65 6.76 0.45
C VAL A 63 -16.09 7.13 0.80
N LYS A 64 -16.90 6.13 1.13
CA LYS A 64 -18.30 6.36 1.49
C LYS A 64 -18.67 5.55 2.73
N GLY A 65 -19.34 6.20 3.67
CA GLY A 65 -19.81 5.54 4.88
C GLY A 65 -19.93 6.51 6.03
N SER A 66 -20.60 6.04 7.09
CA SER A 66 -20.75 6.78 8.34
C SER A 66 -20.65 5.82 9.51
N GLY A 67 -20.02 6.28 10.61
CA GLY A 67 -19.81 5.45 11.77
C GLY A 67 -20.22 6.15 13.06
N LEU A 68 -20.17 5.41 14.15
CA LEU A 68 -20.46 5.90 15.48
C LEU A 68 -19.27 5.70 16.40
N TYR A 69 -18.83 6.78 17.03
CA TYR A 69 -17.72 6.74 17.99
C TYR A 69 -18.13 7.51 19.23
N ALA A 70 -18.10 6.84 20.38
CA ALA A 70 -18.63 7.39 21.64
C ALA A 70 -20.13 7.63 21.43
N ASN A 71 -20.65 8.83 21.69
CA ASN A 71 -22.02 9.19 21.32
C ASN A 71 -22.04 10.21 20.21
N ARG A 72 -21.08 10.12 19.28
CA ARG A 72 -20.91 11.02 18.16
C ARG A 72 -21.04 10.24 16.86
N VAL A 73 -21.40 10.94 15.79
CA VAL A 73 -21.54 10.35 14.46
C VAL A 73 -20.40 10.89 13.59
N MET A 74 -19.66 9.97 12.97
CA MET A 74 -18.54 10.31 12.12
C MET A 74 -18.92 10.11 10.65
N ASP A 75 -18.75 11.15 9.85
CA ASP A 75 -18.94 11.08 8.41
C ASP A 75 -17.60 11.24 7.70
N VAL A 76 -17.65 11.19 6.37
CA VAL A 76 -16.43 11.20 5.56
C VAL A 76 -15.55 12.39 5.88
N SER A 77 -16.15 13.52 6.29
CA SER A 77 -15.39 14.70 6.66
C SER A 77 -14.71 14.57 8.02
N ASP A 78 -15.06 13.56 8.82
CA ASP A 78 -14.53 13.42 10.16
C ASP A 78 -13.40 12.40 10.28
N TYR A 79 -13.46 11.31 9.51
CA TYR A 79 -12.50 10.23 9.67
C TYR A 79 -11.57 10.02 8.48
N VAL A 80 -11.87 10.60 7.32
CA VAL A 80 -11.01 10.44 6.16
C VAL A 80 -10.02 11.59 6.10
N THR A 81 -8.74 11.25 5.97
CA THR A 81 -7.67 12.24 5.88
C THR A 81 -6.50 11.70 5.05
N PRO A 82 -6.09 12.43 4.00
CA PRO A 82 -6.63 13.72 3.53
C PRO A 82 -7.96 13.60 2.81
N PRO A 83 -8.58 14.74 2.50
CA PRO A 83 -9.93 14.73 1.93
C PRO A 83 -9.95 14.64 0.41
N GLN A 84 -8.85 15.00 -0.24
CA GLN A 84 -8.86 15.22 -1.69
C GLN A 84 -9.01 13.92 -2.48
N GLY A 85 -8.87 12.75 -1.85
CA GLY A 85 -8.98 11.51 -2.58
C GLY A 85 -7.71 11.12 -3.31
N THR A 86 -6.59 11.14 -2.60
CA THR A 86 -5.31 10.78 -3.19
C THR A 86 -5.13 9.27 -3.19
N SER A 87 -3.95 8.82 -3.64
CA SER A 87 -3.64 7.40 -3.66
C SER A 87 -3.34 6.84 -2.27
N VAL A 88 -2.97 7.68 -1.32
CA VAL A 88 -2.77 7.29 0.07
C VAL A 88 -3.72 8.10 0.94
N PHE A 89 -4.58 7.40 1.68
CA PHE A 89 -5.52 8.04 2.59
C PHE A 89 -5.69 7.15 3.82
N VAL A 90 -6.34 7.71 4.84
CA VAL A 90 -6.47 7.05 6.14
C VAL A 90 -7.93 7.11 6.58
N ILE A 91 -8.47 5.96 6.97
CA ILE A 91 -9.77 5.89 7.60
C ILE A 91 -9.54 5.72 9.11
N ILE A 92 -9.87 6.75 9.87
CA ILE A 92 -9.65 6.73 11.32
C ILE A 92 -10.68 5.81 11.97
N THR A 93 -10.21 4.83 12.72
CA THR A 93 -11.07 3.88 13.42
C THR A 93 -11.11 4.11 14.92
N LYS A 94 -9.99 4.48 15.53
CA LYS A 94 -9.94 4.80 16.95
C LYS A 94 -9.09 6.04 17.15
N MET A 95 -9.40 6.80 18.20
CA MET A 95 -8.63 8.00 18.50
C MET A 95 -8.65 8.26 20.00
N ILE A 96 -7.67 9.06 20.43
CA ILE A 96 -7.52 9.45 21.83
C ILE A 96 -7.53 10.98 21.86
N VAL A 97 -8.46 11.55 22.61
CA VAL A 97 -8.65 12.99 22.68
C VAL A 97 -8.13 13.52 24.00
N THR A 98 -7.42 14.64 23.93
CA THR A 98 -6.99 15.41 25.10
C THR A 98 -7.46 16.83 24.86
N GLU A 99 -8.58 17.19 25.50
CA GLU A 99 -9.30 18.41 25.16
C GLU A 99 -8.82 19.61 25.97
N ASN A 100 -8.86 20.78 25.32
CA ASN A 100 -8.65 22.06 26.00
C ASN A 100 -7.24 22.18 26.58
N GLN A 101 -6.26 21.81 25.79
CA GLN A 101 -4.87 22.04 26.18
C GLN A 101 -4.52 23.52 26.05
N MET A 102 -3.54 23.94 26.83
CA MET A 102 -3.07 25.33 26.80
C MET A 102 -1.62 25.37 27.24
N GLN A 103 -0.84 26.23 26.58
CA GLN A 103 0.57 26.39 26.92
C GLN A 103 0.73 26.69 28.40
N GLY A 104 1.77 26.10 28.99
CA GLY A 104 2.05 26.34 30.40
C GLY A 104 3.04 25.33 30.92
N PHE A 105 3.00 25.11 32.23
CA PHE A 105 3.86 24.15 32.89
C PHE A 105 2.99 23.08 33.56
N CYS A 106 3.43 21.83 33.48
CA CYS A 106 2.72 20.74 34.12
C CYS A 106 3.64 19.53 34.18
N PRO A 107 3.35 18.58 35.08
CA PRO A 107 4.17 17.37 35.16
C PRO A 107 3.80 16.38 34.07
N GLU A 108 4.80 15.95 33.31
CA GLU A 108 4.58 14.93 32.29
C GLU A 108 4.01 13.67 32.94
N SER A 109 3.08 13.02 32.23
CA SER A 109 2.43 11.80 32.70
C SER A 109 3.17 10.54 32.27
N GLU A 110 4.17 10.63 31.40
CA GLU A 110 4.91 9.45 30.99
C GLU A 110 5.81 8.98 32.14
N GLU A 111 5.73 7.68 32.46
CA GLU A 111 6.52 7.15 33.57
C GLU A 111 8.01 7.31 33.31
N LYS A 112 8.43 7.16 32.04
CA LYS A 112 9.84 7.31 31.70
C LYS A 112 10.45 8.61 32.21
N TYR A 113 9.62 9.62 32.50
CA TYR A 113 10.10 10.88 33.03
C TYR A 113 10.13 10.92 34.56
N ARG A 114 10.12 9.75 35.21
CA ARG A 114 10.16 9.72 36.66
C ARG A 114 11.46 10.31 37.18
N CYS A 115 11.37 11.06 38.28
CA CYS A 115 12.53 11.70 38.88
C CYS A 115 12.45 11.57 40.40
N VAL A 116 13.62 11.71 41.04
CA VAL A 116 13.68 11.80 42.48
C VAL A 116 14.05 13.20 42.95
N SER A 117 14.84 13.94 42.18
CA SER A 117 15.21 15.29 42.54
C SER A 117 15.52 16.07 41.26
N ASP A 118 15.57 17.39 41.40
CA ASP A 118 15.78 18.27 40.25
C ASP A 118 17.13 18.03 39.63
N SER A 119 17.95 17.16 40.24
CA SER A 119 19.27 16.87 39.72
C SER A 119 19.24 15.92 38.53
N GLN A 120 18.14 15.18 38.36
CA GLN A 120 17.98 14.28 37.23
C GLN A 120 16.91 14.75 36.26
N CYS A 121 16.61 16.05 36.25
CA CYS A 121 15.72 16.64 35.27
C CYS A 121 16.45 17.70 34.45
N GLY A 122 17.75 17.49 34.24
CA GLY A 122 18.57 18.40 33.48
C GLY A 122 18.56 18.14 31.99
N PRO A 123 19.20 19.01 31.23
CA PRO A 123 19.19 18.87 29.76
C PRO A 123 19.83 17.58 29.29
N GLU A 124 20.69 16.97 30.10
CA GLU A 124 21.34 15.74 29.70
C GLU A 124 20.36 14.57 29.60
N ARG A 125 19.18 14.69 30.22
CA ARG A 125 18.23 13.61 30.22
C ARG A 125 17.24 13.77 29.07
N LEU A 126 16.99 12.67 28.37
CA LEU A 126 16.08 12.65 27.22
C LEU A 126 16.36 13.84 26.31
N PRO A 127 17.51 13.89 25.63
CA PRO A 127 17.83 15.10 24.85
C PRO A 127 16.84 15.35 23.73
N GLY A 128 16.36 14.30 23.08
CA GLY A 128 15.44 14.43 21.96
C GLY A 128 13.99 14.60 22.36
N GLY A 129 13.67 14.51 23.64
CA GLY A 129 12.30 14.60 24.11
C GLY A 129 11.77 16.01 24.25
N GLY A 130 10.80 16.17 25.15
CA GLY A 130 10.17 17.45 25.38
C GLY A 130 11.08 18.43 26.08
N ILE A 131 10.53 19.62 26.33
CA ILE A 131 11.27 20.69 26.98
C ILE A 131 11.08 20.54 28.49
N LEU A 132 12.17 20.26 29.19
CA LEU A 132 12.15 20.08 30.64
C LEU A 132 12.39 21.43 31.32
N THR A 133 11.54 21.75 32.30
CA THR A 133 11.75 22.99 33.05
C THR A 133 12.92 22.89 34.02
N GLY A 134 13.21 21.68 34.51
CA GLY A 134 14.25 21.46 35.49
C GLY A 134 13.75 21.16 36.89
N ARG A 135 12.43 21.16 37.10
CA ARG A 135 11.85 20.84 38.40
C ARG A 135 11.31 19.42 38.41
N CYS A 136 11.48 18.74 39.54
CA CYS A 136 10.87 17.44 39.77
C CYS A 136 9.57 17.67 40.56
N VAL A 137 8.44 17.36 39.94
CA VAL A 137 7.14 17.65 40.52
C VAL A 137 6.35 16.35 40.63
N ASN A 138 5.27 16.41 41.41
CA ASN A 138 4.42 15.25 41.70
C ASN A 138 3.21 15.28 40.76
N TYR A 139 3.25 14.48 39.70
CA TYR A 139 2.07 14.32 38.85
C TYR A 139 0.89 13.82 39.67
N SER A 140 1.09 12.75 40.43
CA SER A 140 0.10 12.21 41.34
C SER A 140 0.80 11.85 42.64
N SER A 141 0.07 11.21 43.55
CA SER A 141 0.67 10.75 44.80
C SER A 141 1.54 9.51 44.61
N VAL A 142 1.36 8.78 43.51
CA VAL A 142 2.15 7.57 43.28
C VAL A 142 3.30 7.76 42.31
N LEU A 143 3.37 8.91 41.64
CA LEU A 143 4.44 9.15 40.67
C LEU A 143 4.95 10.57 40.79
N ARG A 144 6.26 10.73 40.57
CA ARG A 144 6.93 12.03 40.59
C ARG A 144 7.75 12.13 39.31
N THR A 145 7.45 13.12 38.48
CA THR A 145 8.04 13.23 37.15
C THR A 145 8.62 14.62 36.96
N CYS A 146 9.51 14.73 35.97
CA CYS A 146 10.05 16.04 35.61
C CYS A 146 8.92 16.93 35.08
N GLU A 147 8.95 18.20 35.48
CA GLU A 147 8.02 19.16 34.92
C GLU A 147 8.50 19.63 33.56
N ILE A 148 7.54 19.94 32.68
CA ILE A 148 7.84 20.34 31.31
C ILE A 148 7.00 21.54 30.92
N GLN A 149 7.49 22.29 29.94
CA GLN A 149 6.77 23.40 29.35
C GLN A 149 6.18 22.96 28.02
N GLY A 150 4.89 23.21 27.82
CA GLY A 150 4.21 22.78 26.62
C GLY A 150 2.71 22.75 26.84
N TRP A 151 2.04 21.96 26.00
CA TRP A 151 0.58 21.88 26.06
C TRP A 151 0.13 21.13 27.30
N CYS A 152 -0.60 21.81 28.17
CA CYS A 152 -1.08 21.23 29.42
C CYS A 152 -2.61 21.23 29.43
N PRO A 153 -3.21 20.17 29.98
CA PRO A 153 -2.48 19.04 30.57
C PRO A 153 -1.80 18.18 29.52
N THR A 154 -1.05 17.18 29.98
CA THR A 154 -0.34 16.30 29.07
C THR A 154 -1.25 15.18 28.58
N GLU A 155 -0.80 14.49 27.54
CA GLU A 155 -1.57 13.41 26.96
C GLU A 155 -1.44 12.15 27.80
N VAL A 156 -2.50 11.38 27.84
CA VAL A 156 -2.51 10.09 28.52
C VAL A 156 -2.85 9.04 27.47
N ASP A 157 -1.82 8.48 26.85
CA ASP A 157 -1.97 7.54 25.75
C ASP A 157 -2.00 6.09 26.21
N THR A 158 -2.26 5.85 27.49
CA THR A 158 -2.34 4.50 28.04
C THR A 158 -3.76 4.06 28.33
N VAL A 159 -4.75 4.88 28.02
CA VAL A 159 -6.15 4.52 28.25
C VAL A 159 -6.66 3.66 27.09
N GLU A 160 -7.80 3.03 27.28
CA GLU A 160 -8.45 2.21 26.27
C GLU A 160 -9.68 2.96 25.77
N THR A 161 -9.86 3.01 24.46
CA THR A 161 -10.96 3.71 23.83
C THR A 161 -11.65 2.79 22.85
N PRO A 162 -12.89 3.08 22.48
CA PRO A 162 -13.61 2.21 21.55
C PRO A 162 -13.06 2.33 20.13
N ILE A 163 -13.56 1.51 19.22
CA ILE A 163 -13.19 1.58 17.81
C ILE A 163 -14.46 1.66 16.99
N MET A 164 -14.37 2.34 15.86
CA MET A 164 -15.52 2.52 14.98
C MET A 164 -15.70 1.26 14.15
N MET A 165 -16.72 0.47 14.47
CA MET A 165 -16.93 -0.80 13.81
C MET A 165 -17.59 -0.64 12.44
N GLU A 166 -18.42 0.38 12.27
CA GLU A 166 -19.08 0.61 10.98
C GLU A 166 -18.07 0.76 9.85
N ALA A 167 -16.82 1.10 10.16
CA ALA A 167 -15.82 1.26 9.12
C ALA A 167 -15.64 -0.01 8.30
N GLU A 168 -16.05 -1.16 8.84
CA GLU A 168 -15.94 -2.40 8.07
C GLU A 168 -16.86 -2.37 6.85
N ASN A 169 -17.98 -1.65 6.95
CA ASN A 169 -18.95 -1.59 5.87
C ASN A 169 -18.74 -0.40 4.95
N PHE A 170 -17.69 0.40 5.18
CA PHE A 170 -17.41 1.50 4.28
C PHE A 170 -16.96 0.96 2.92
N THR A 171 -17.10 1.81 1.90
CA THR A 171 -16.73 1.47 0.54
C THR A 171 -15.69 2.47 0.03
N ILE A 172 -14.71 1.94 -0.69
CA ILE A 172 -13.65 2.72 -1.33
C ILE A 172 -13.83 2.63 -2.83
N PHE A 173 -13.99 3.78 -3.48
CA PHE A 173 -14.13 3.81 -4.93
C PHE A 173 -12.83 4.34 -5.51
N ILE A 174 -12.21 3.56 -6.39
CA ILE A 174 -10.87 3.85 -6.93
C ILE A 174 -10.96 4.09 -8.42
N LYS A 175 -10.70 5.33 -8.84
CA LYS A 175 -10.55 5.65 -10.24
C LYS A 175 -9.07 5.73 -10.57
N ASN A 176 -8.65 4.89 -11.53
CA ASN A 176 -7.24 4.75 -11.86
C ASN A 176 -7.08 4.97 -13.35
N SER A 177 -6.21 5.91 -13.71
CA SER A 177 -5.98 6.30 -15.10
C SER A 177 -4.49 6.22 -15.40
N ILE A 178 -4.10 5.24 -16.22
CA ILE A 178 -2.69 4.93 -16.45
C ILE A 178 -2.37 5.16 -17.92
N ARG A 179 -1.08 5.10 -18.25
CA ARG A 179 -0.64 5.36 -19.61
C ARG A 179 0.74 4.74 -19.79
N PHE A 180 0.92 3.95 -20.85
CA PHE A 180 2.23 3.47 -21.23
C PHE A 180 2.84 4.46 -22.23
N PRO A 181 3.85 5.24 -21.84
CA PRO A 181 4.28 6.34 -22.73
C PRO A 181 5.06 5.87 -23.94
N LEU A 182 5.89 4.84 -23.78
CA LEU A 182 6.65 4.31 -24.91
C LEU A 182 5.76 3.97 -26.11
N PHE A 183 4.51 3.57 -25.87
CA PHE A 183 3.56 3.31 -26.93
C PHE A 183 2.40 4.30 -26.99
N ASN A 184 2.31 5.20 -26.02
CA ASN A 184 1.23 6.20 -25.97
C ASN A 184 -0.12 5.49 -25.91
N PHE A 185 -0.16 4.39 -25.15
CA PHE A 185 -1.34 3.54 -25.00
C PHE A 185 -1.93 3.82 -23.62
N GLU A 186 -3.02 4.60 -23.59
CA GLU A 186 -3.65 4.99 -22.34
C GLU A 186 -5.01 4.32 -22.18
N LYS A 187 -5.33 3.94 -20.95
CA LYS A 187 -6.56 3.20 -20.65
C LYS A 187 -6.92 3.47 -19.19
N GLY A 188 -8.14 3.06 -18.82
CA GLY A 188 -8.66 3.30 -17.50
C GLY A 188 -9.26 2.03 -16.91
N ASN A 189 -9.55 2.09 -15.60
CA ASN A 189 -10.07 0.94 -14.88
C ASN A 189 -11.58 1.02 -14.66
N LEU A 190 -12.25 2.03 -15.20
CA LEU A 190 -13.70 2.08 -15.18
C LEU A 190 -14.21 1.39 -16.44
N LEU A 191 -14.61 0.13 -16.30
CA LEU A 191 -15.01 -0.71 -17.44
C LEU A 191 -16.42 -1.24 -17.26
N PRO A 192 -17.44 -0.54 -17.75
CA PRO A 192 -18.82 -0.99 -17.49
C PRO A 192 -19.14 -2.32 -18.12
N ASN A 193 -18.53 -2.64 -19.27
CA ASN A 193 -18.79 -3.90 -19.95
C ASN A 193 -18.29 -5.12 -19.18
N LEU A 194 -17.19 -4.99 -18.43
CA LEU A 194 -16.59 -6.11 -17.70
C LEU A 194 -17.26 -6.44 -16.37
N THR A 195 -18.04 -5.50 -15.84
CA THR A 195 -18.76 -5.51 -14.57
C THR A 195 -20.26 -5.39 -14.81
N ALA A 196 -21.04 -6.08 -13.97
CA ALA A 196 -22.48 -6.07 -14.12
C ALA A 196 -23.08 -4.70 -13.82
N ARG A 197 -24.14 -4.41 -14.57
CA ARG A 197 -24.89 -3.16 -14.55
C ARG A 197 -25.55 -2.94 -13.19
N ASP A 198 -26.11 -1.74 -13.04
CA ASP A 198 -26.10 -1.08 -11.74
C ASP A 198 -24.67 -1.13 -11.23
N MET A 199 -23.83 -0.31 -11.88
CA MET A 199 -22.42 -0.26 -11.55
C MET A 199 -22.25 0.26 -10.13
N LYS A 200 -23.13 1.18 -9.72
CA LYS A 200 -22.97 1.76 -8.40
C LYS A 200 -23.21 0.66 -7.38
N THR A 201 -24.04 -0.32 -7.75
CA THR A 201 -24.43 -1.39 -6.84
C THR A 201 -23.40 -2.51 -6.83
N CYS A 202 -22.43 -2.50 -7.74
CA CYS A 202 -21.44 -3.56 -7.73
C CYS A 202 -20.64 -3.44 -6.43
N ARG A 203 -20.01 -4.53 -6.05
CA ARG A 203 -18.92 -4.50 -5.08
C ARG A 203 -17.90 -5.52 -5.55
N PHE A 204 -16.66 -5.37 -5.11
CA PHE A 204 -15.56 -6.13 -5.68
C PHE A 204 -15.35 -7.44 -4.94
N HIS A 205 -15.48 -8.55 -5.67
CA HIS A 205 -15.09 -9.90 -5.28
C HIS A 205 -14.07 -10.42 -6.29
N PRO A 206 -12.94 -10.95 -5.83
CA PRO A 206 -11.89 -11.39 -6.77
C PRO A 206 -12.40 -12.33 -7.85
N ASP A 207 -13.49 -13.05 -7.62
CA ASP A 207 -14.03 -14.03 -8.55
C ASP A 207 -15.35 -13.61 -9.17
N LYS A 208 -16.28 -13.09 -8.38
CA LYS A 208 -17.59 -12.78 -8.92
C LYS A 208 -17.61 -11.43 -9.64
N ASP A 209 -16.80 -10.49 -9.17
CA ASP A 209 -16.71 -9.16 -9.78
C ASP A 209 -15.30 -8.62 -9.64
N PRO A 210 -14.37 -9.11 -10.46
CA PRO A 210 -12.96 -8.73 -10.31
C PRO A 210 -12.62 -7.41 -11.00
N PHE A 211 -13.62 -6.74 -11.60
CA PHE A 211 -13.41 -5.46 -12.25
C PHE A 211 -14.24 -4.33 -11.65
N CYS A 212 -14.95 -4.57 -10.54
CA CYS A 212 -15.67 -3.47 -9.86
C CYS A 212 -14.75 -2.52 -9.10
N PRO A 213 -14.80 -1.21 -9.39
CA PRO A 213 -13.90 -0.25 -8.74
C PRO A 213 -14.29 0.13 -7.32
N ILE A 214 -15.38 -0.41 -6.81
CA ILE A 214 -15.90 -0.10 -5.49
C ILE A 214 -15.39 -1.18 -4.55
N LEU A 215 -14.65 -0.80 -3.53
CA LEU A 215 -14.10 -1.79 -2.62
C LEU A 215 -14.76 -1.60 -1.26
N ARG A 216 -15.15 -2.71 -0.66
CA ARG A 216 -15.66 -2.67 0.71
C ARG A 216 -14.49 -2.69 1.69
N VAL A 217 -14.48 -1.75 2.62
CA VAL A 217 -13.34 -1.66 3.54
C VAL A 217 -13.08 -3.02 4.20
N GLY A 218 -14.12 -3.62 4.78
CA GLY A 218 -13.95 -4.94 5.37
C GLY A 218 -13.44 -5.98 4.38
N ASP A 219 -13.95 -5.94 3.15
CA ASP A 219 -13.44 -6.84 2.12
C ASP A 219 -11.95 -6.65 1.93
N VAL A 220 -11.51 -5.41 1.74
CA VAL A 220 -10.09 -5.14 1.56
C VAL A 220 -9.31 -5.65 2.77
N VAL A 221 -9.89 -5.53 3.97
CA VAL A 221 -9.22 -6.04 5.16
C VAL A 221 -9.11 -7.55 5.10
N LYS A 222 -10.12 -8.22 4.53
CA LYS A 222 -10.10 -9.67 4.44
C LYS A 222 -9.14 -10.14 3.35
N PHE A 223 -9.21 -9.54 2.16
CA PHE A 223 -8.33 -9.91 1.07
C PHE A 223 -6.85 -9.82 1.47
N ALA A 224 -6.52 -8.92 2.40
CA ALA A 224 -5.16 -8.81 2.90
C ALA A 224 -4.86 -9.76 4.05
N GLY A 225 -5.83 -10.60 4.44
CA GLY A 225 -5.64 -11.54 5.51
C GLY A 225 -5.40 -10.87 6.85
N GLN A 226 -6.30 -9.95 7.22
CA GLN A 226 -6.17 -9.17 8.43
C GLN A 226 -7.49 -9.13 9.16
N ASP A 227 -7.42 -9.07 10.49
CA ASP A 227 -8.60 -8.98 11.33
C ASP A 227 -8.95 -7.52 11.57
N PHE A 228 -10.16 -7.13 11.17
CA PHE A 228 -10.56 -5.73 11.29
C PHE A 228 -10.54 -5.28 12.75
N ALA A 229 -10.76 -6.21 13.69
CA ALA A 229 -10.72 -5.87 15.11
C ALA A 229 -9.32 -5.43 15.51
N LYS A 230 -8.34 -6.32 15.37
CA LYS A 230 -6.98 -5.98 15.74
C LYS A 230 -6.45 -4.83 14.91
N LEU A 231 -6.76 -4.81 13.62
CA LEU A 231 -6.27 -3.76 12.75
C LEU A 231 -6.83 -2.41 13.17
N ALA A 232 -8.15 -2.32 13.35
CA ALA A 232 -8.75 -1.08 13.83
C ALA A 232 -8.22 -0.70 15.21
N ARG A 233 -7.92 -1.69 16.06
CA ARG A 233 -7.42 -1.40 17.39
C ARG A 233 -6.04 -0.77 17.32
N THR A 234 -5.12 -1.38 16.57
CA THR A 234 -3.74 -0.94 16.50
C THR A 234 -3.45 -0.08 15.28
N GLY A 235 -4.36 -0.02 14.32
CA GLY A 235 -4.09 0.68 13.07
C GLY A 235 -3.17 -0.11 12.17
N GLY A 236 -3.11 0.26 10.89
CA GLY A 236 -2.28 -0.48 9.96
C GLY A 236 -2.25 0.22 8.61
N VAL A 237 -1.48 -0.38 7.70
CA VAL A 237 -1.26 0.16 6.37
C VAL A 237 -1.54 -0.94 5.37
N LEU A 238 -2.59 -0.77 4.57
CA LEU A 238 -2.96 -1.73 3.54
C LEU A 238 -2.71 -1.14 2.17
N GLY A 239 -2.43 -2.01 1.21
CA GLY A 239 -2.19 -1.59 -0.16
C GLY A 239 -3.16 -2.18 -1.16
N ILE A 240 -3.91 -1.33 -1.86
CA ILE A 240 -4.73 -1.76 -2.98
C ILE A 240 -3.84 -1.68 -4.22
N LYS A 241 -3.43 -2.83 -4.75
CA LYS A 241 -2.48 -2.92 -5.85
C LYS A 241 -3.22 -3.11 -7.17
N ILE A 242 -2.97 -2.23 -8.12
CA ILE A 242 -3.54 -2.30 -9.46
C ILE A 242 -2.41 -2.67 -10.42
N GLY A 243 -2.54 -3.83 -11.07
CA GLY A 243 -1.53 -4.34 -11.98
C GLY A 243 -2.03 -4.28 -13.42
N TRP A 244 -1.17 -3.77 -14.29
CA TRP A 244 -1.48 -3.63 -15.72
C TRP A 244 -0.40 -4.34 -16.55
N VAL A 245 -0.42 -5.68 -16.55
CA VAL A 245 0.42 -6.46 -17.44
C VAL A 245 -0.33 -6.63 -18.76
N CYS A 246 0.22 -6.10 -19.85
CA CYS A 246 -0.54 -6.04 -21.09
C CYS A 246 0.32 -6.40 -22.29
N ASP A 247 -0.30 -7.08 -23.25
CA ASP A 247 0.28 -7.39 -24.55
C ASP A 247 -0.38 -6.49 -25.58
N LEU A 248 0.27 -5.37 -25.92
CA LEU A 248 -0.33 -4.44 -26.87
C LEU A 248 -0.38 -4.99 -28.30
N ASP A 249 0.10 -6.21 -28.52
CA ASP A 249 -0.13 -6.93 -29.77
C ASP A 249 -1.54 -7.50 -29.88
N LYS A 250 -2.21 -7.72 -28.74
CA LYS A 250 -3.56 -8.26 -28.70
C LYS A 250 -4.54 -7.10 -28.80
N ALA A 251 -5.83 -7.36 -28.57
CA ALA A 251 -6.79 -6.29 -28.75
C ALA A 251 -6.63 -5.25 -27.64
N TRP A 252 -6.99 -4.02 -27.98
CA TRP A 252 -7.10 -2.97 -26.98
C TRP A 252 -7.95 -3.46 -25.80
N ASP A 253 -8.98 -4.27 -26.11
CA ASP A 253 -9.91 -4.82 -25.13
C ASP A 253 -9.25 -5.74 -24.11
N GLN A 254 -8.05 -6.23 -24.40
CA GLN A 254 -7.41 -7.26 -23.57
C GLN A 254 -6.55 -6.69 -22.46
N CYS A 255 -6.08 -5.46 -22.59
CA CYS A 255 -5.32 -4.82 -21.52
C CYS A 255 -6.26 -4.52 -20.35
N ILE A 256 -6.15 -5.32 -19.29
CA ILE A 256 -7.11 -5.31 -18.19
C ILE A 256 -6.35 -5.18 -16.87
N PRO A 257 -6.88 -4.43 -15.91
CA PRO A 257 -6.24 -4.31 -14.60
C PRO A 257 -6.62 -5.46 -13.67
N LYS A 258 -5.64 -5.85 -12.84
CA LYS A 258 -5.81 -6.90 -11.85
C LYS A 258 -5.46 -6.37 -10.48
N TYR A 259 -6.38 -6.53 -9.53
CA TYR A 259 -6.26 -6.00 -8.18
C TYR A 259 -5.75 -7.08 -7.23
N SER A 260 -4.76 -6.71 -6.41
CA SER A 260 -4.28 -7.54 -5.32
C SER A 260 -4.21 -6.70 -4.05
N PHE A 261 -4.03 -7.36 -2.92
CA PHE A 261 -4.09 -6.69 -1.62
C PHE A 261 -3.04 -7.26 -0.68
N THR A 262 -2.55 -6.41 0.21
CA THR A 262 -1.46 -6.76 1.11
C THR A 262 -1.43 -5.80 2.29
N ARG A 263 -0.93 -6.28 3.43
CA ARG A 263 -0.63 -5.44 4.58
C ARG A 263 0.84 -5.05 4.56
N LEU A 264 1.10 -3.74 4.64
CA LEU A 264 2.45 -3.21 4.44
C LEU A 264 3.22 -2.98 5.74
N ASP A 265 2.54 -2.75 6.87
CA ASP A 265 3.24 -2.59 8.14
C ASP A 265 3.65 -3.98 8.62
N SER A 266 4.91 -4.34 8.37
CA SER A 266 5.51 -5.55 8.89
C SER A 266 5.16 -5.79 10.35
N VAL A 267 4.85 -7.04 10.67
CA VAL A 267 4.46 -7.45 12.02
C VAL A 267 5.56 -8.40 12.50
N SER A 268 6.78 -8.15 12.03
CA SER A 268 7.90 -9.06 12.27
C SER A 268 8.05 -9.36 13.76
N GLU A 269 8.31 -10.64 14.06
CA GLU A 269 8.50 -11.05 15.44
C GLU A 269 9.67 -10.29 16.07
N LYS A 270 10.79 -10.19 15.35
CA LYS A 270 11.89 -9.37 15.84
C LYS A 270 11.40 -8.00 16.27
N SER A 271 10.54 -7.37 15.46
CA SER A 271 9.83 -6.16 15.83
C SER A 271 10.76 -5.09 16.39
N SER A 272 10.82 -4.98 17.71
CA SER A 272 11.42 -3.88 18.44
C SER A 272 10.61 -2.59 18.30
N VAL A 273 9.48 -2.64 17.60
CA VAL A 273 8.62 -1.49 17.37
C VAL A 273 7.18 -1.95 17.46
N SER A 274 6.32 -1.11 18.01
CA SER A 274 4.91 -1.48 18.14
C SER A 274 4.24 -1.46 16.77
N PRO A 275 3.54 -2.52 16.38
CA PRO A 275 2.87 -2.52 15.08
C PRO A 275 1.76 -1.48 15.05
N GLY A 276 1.06 -1.35 13.93
CA GLY A 276 -0.01 -0.39 13.84
C GLY A 276 0.39 0.88 13.12
N TYR A 277 -0.52 1.84 13.14
CA TYR A 277 -0.31 3.12 12.48
C TYR A 277 -1.18 4.16 13.17
N ASN A 278 -0.55 5.22 13.67
CA ASN A 278 -1.25 6.33 14.30
C ASN A 278 -0.47 7.62 14.12
N PHE A 279 -1.18 8.74 14.23
CA PHE A 279 -0.56 10.05 14.11
C PHE A 279 -1.36 11.06 14.91
N ARG A 280 -0.72 12.17 15.28
CA ARG A 280 -1.30 13.16 16.15
C ARG A 280 -1.60 14.43 15.37
N PHE A 281 -2.74 15.04 15.68
CA PHE A 281 -3.12 16.34 15.14
C PHE A 281 -4.04 17.02 16.13
N ALA A 282 -4.07 18.34 16.07
CA ALA A 282 -4.84 19.14 17.01
C ALA A 282 -5.85 20.00 16.26
N LYS A 283 -6.93 20.33 16.95
CA LYS A 283 -7.91 21.30 16.48
C LYS A 283 -7.69 22.58 17.28
N TYR A 284 -7.31 23.64 16.59
CA TYR A 284 -6.86 24.86 17.22
C TYR A 284 -8.03 25.83 17.36
N TYR A 285 -8.30 26.19 18.61
CA TYR A 285 -9.31 27.14 19.00
C TYR A 285 -8.62 28.31 19.67
N LYS A 286 -9.31 29.43 19.67
CA LYS A 286 -8.83 30.65 20.30
C LYS A 286 -9.95 31.05 21.24
N MET A 287 -9.56 31.64 22.35
CA MET A 287 -10.56 31.97 23.35
C MET A 287 -11.23 33.30 23.06
N GLU A 288 -12.43 33.44 23.63
CA GLU A 288 -13.16 34.69 23.49
C GLU A 288 -12.30 35.79 24.08
N ASN A 289 -11.58 35.47 25.16
CA ASN A 289 -10.63 36.36 25.78
C ASN A 289 -9.33 36.49 25.01
N GLY A 290 -9.13 35.66 24.00
CA GLY A 290 -8.05 35.75 23.03
C GLY A 290 -6.96 34.72 23.20
N SER A 291 -6.91 34.02 24.33
CA SER A 291 -5.92 32.98 24.56
C SER A 291 -6.19 31.78 23.66
N GLU A 292 -5.13 31.03 23.35
CA GLU A 292 -5.21 29.93 22.40
C GLU A 292 -5.17 28.60 23.14
N TYR A 293 -6.00 27.66 22.67
CA TYR A 293 -6.08 26.32 23.22
C TYR A 293 -6.52 25.35 22.12
N ARG A 294 -6.03 24.12 22.21
CA ARG A 294 -6.24 23.12 21.17
C ARG A 294 -6.81 21.85 21.79
N THR A 295 -7.33 20.98 20.92
CA THR A 295 -7.71 19.61 21.27
C THR A 295 -6.74 18.66 20.59
N LEU A 296 -5.96 17.93 21.40
CA LEU A 296 -4.94 17.04 20.88
C LEU A 296 -5.55 15.67 20.63
N LEU A 297 -5.33 15.16 19.42
CA LEU A 297 -5.99 13.94 18.94
C LEU A 297 -4.94 12.96 18.45
N LYS A 298 -4.92 11.77 19.05
CA LYS A 298 -4.13 10.64 18.57
C LYS A 298 -5.05 9.73 17.78
N ALA A 299 -4.80 9.60 16.48
CA ALA A 299 -5.68 8.91 15.55
C ALA A 299 -5.09 7.57 15.15
N PHE A 300 -5.87 6.51 15.34
CA PHE A 300 -5.55 5.19 14.82
C PHE A 300 -6.52 4.85 13.69
N GLY A 301 -5.99 4.38 12.56
CA GLY A 301 -6.84 4.03 11.46
C GLY A 301 -6.13 3.12 10.48
N ILE A 302 -6.77 2.92 9.33
CA ILE A 302 -6.24 2.08 8.26
C ILE A 302 -5.86 2.98 7.10
N ARG A 303 -4.55 3.12 6.88
CA ARG A 303 -4.08 3.86 5.72
C ARG A 303 -4.11 2.96 4.49
N PHE A 304 -4.61 3.49 3.38
CA PHE A 304 -4.72 2.75 2.14
C PHE A 304 -3.79 3.36 1.10
N ASP A 305 -2.88 2.56 0.58
CA ASP A 305 -1.93 3.00 -0.43
C ASP A 305 -2.26 2.29 -1.73
N VAL A 306 -2.69 3.04 -2.73
CA VAL A 306 -2.96 2.47 -4.04
C VAL A 306 -1.65 2.42 -4.82
N LEU A 307 -1.17 1.21 -5.10
CA LEU A 307 0.12 0.98 -5.74
C LEU A 307 -0.13 0.39 -7.12
N VAL A 308 0.09 1.19 -8.16
CA VAL A 308 -0.18 0.80 -9.54
C VAL A 308 1.13 0.39 -10.20
N TYR A 309 1.30 -0.91 -10.43
CA TYR A 309 2.37 -1.44 -11.27
C TYR A 309 1.82 -1.81 -12.63
N GLY A 310 2.72 -1.90 -13.61
CA GLY A 310 2.34 -2.31 -14.95
C GLY A 310 3.49 -2.38 -15.93
N ASN A 311 3.43 -3.32 -16.88
CA ASN A 311 4.40 -3.38 -17.96
C ASN A 311 3.74 -3.97 -19.20
N ALA A 312 3.99 -3.33 -20.34
CA ALA A 312 3.40 -3.72 -21.62
C ALA A 312 4.49 -4.19 -22.57
N GLY A 313 4.11 -5.07 -23.50
CA GLY A 313 5.03 -5.53 -24.51
C GLY A 313 4.48 -5.36 -25.90
N LYS A 314 5.21 -4.67 -26.76
CA LYS A 314 4.81 -4.46 -28.15
C LYS A 314 5.88 -4.98 -29.09
N PHE A 315 5.44 -5.64 -30.16
CA PHE A 315 6.37 -6.14 -31.18
C PHE A 315 7.30 -5.02 -31.66
N ASN A 316 8.56 -5.37 -31.86
CA ASN A 316 9.56 -4.43 -32.33
C ASN A 316 10.51 -5.14 -33.28
N ILE A 317 11.03 -4.39 -34.25
CA ILE A 317 11.88 -4.99 -35.27
C ILE A 317 13.23 -5.39 -34.67
N ILE A 318 13.78 -4.56 -33.79
CA ILE A 318 15.12 -4.77 -33.24
C ILE A 318 15.14 -6.02 -32.37
N PRO A 319 14.28 -6.14 -31.36
CA PRO A 319 14.27 -7.37 -30.55
C PRO A 319 13.95 -8.61 -31.34
N THR A 320 13.14 -8.50 -32.40
CA THR A 320 12.82 -9.66 -33.22
C THR A 320 14.02 -10.13 -34.02
N ILE A 321 14.86 -9.20 -34.50
CA ILE A 321 16.05 -9.58 -35.23
C ILE A 321 17.09 -10.19 -34.29
N ILE A 322 17.30 -9.57 -33.13
CA ILE A 322 18.28 -10.09 -32.18
C ILE A 322 17.89 -11.49 -31.74
N SER A 323 16.62 -11.69 -31.36
CA SER A 323 16.18 -13.02 -30.99
C SER A 323 16.30 -13.99 -32.15
N SER A 324 16.01 -13.52 -33.38
CA SER A 324 16.15 -14.38 -34.55
C SER A 324 17.59 -14.87 -34.68
N VAL A 325 18.53 -13.94 -34.78
CA VAL A 325 19.95 -14.31 -34.88
C VAL A 325 20.34 -15.25 -33.74
N ALA A 326 19.84 -14.96 -32.53
CA ALA A 326 20.17 -15.79 -31.39
C ALA A 326 19.74 -17.23 -31.62
N ALA A 327 18.49 -17.42 -32.06
CA ALA A 327 17.98 -18.78 -32.27
C ALA A 327 18.66 -19.45 -33.46
N PHE A 328 18.92 -18.69 -34.52
CA PHE A 328 19.63 -19.25 -35.68
C PHE A 328 20.98 -19.82 -35.27
N THR A 329 21.82 -18.98 -34.67
CA THR A 329 23.16 -19.43 -34.28
C THR A 329 23.08 -20.55 -33.25
N SER A 330 22.21 -20.38 -32.23
CA SER A 330 22.11 -21.39 -31.17
C SER A 330 21.72 -22.75 -31.73
N VAL A 331 20.76 -22.78 -32.66
CA VAL A 331 20.41 -24.05 -33.29
C VAL A 331 21.58 -24.60 -34.10
N GLY A 332 22.26 -23.72 -34.85
CA GLY A 332 23.40 -24.17 -35.63
C GLY A 332 24.47 -24.83 -34.80
N VAL A 333 24.62 -24.41 -33.54
CA VAL A 333 25.60 -25.07 -32.67
C VAL A 333 24.98 -26.31 -32.01
N GLY A 334 23.70 -26.24 -31.65
CA GLY A 334 23.08 -27.39 -31.03
C GLY A 334 23.02 -28.59 -31.95
N THR A 335 22.86 -28.37 -33.25
CA THR A 335 22.86 -29.48 -34.20
C THR A 335 24.24 -30.11 -34.32
N VAL A 336 25.30 -29.30 -34.31
CA VAL A 336 26.66 -29.85 -34.33
C VAL A 336 26.92 -30.65 -33.06
N LEU A 337 26.61 -30.05 -31.91
CA LEU A 337 26.83 -30.74 -30.65
C LEU A 337 26.00 -32.03 -30.59
N CYS A 338 24.79 -31.98 -31.12
CA CYS A 338 23.96 -33.17 -31.14
C CYS A 338 24.48 -34.21 -32.13
N ASP A 339 25.05 -33.76 -33.25
CA ASP A 339 25.71 -34.68 -34.17
C ASP A 339 26.91 -35.37 -33.53
N ILE A 340 27.73 -34.62 -32.79
CA ILE A 340 28.91 -35.17 -32.11
C ILE A 340 28.48 -36.16 -31.04
N ILE A 341 27.38 -35.84 -30.35
CA ILE A 341 26.87 -36.69 -29.28
C ILE A 341 26.36 -37.99 -29.90
N LEU A 342 25.76 -37.90 -31.08
CA LEU A 342 25.22 -39.07 -31.76
C LEU A 342 26.33 -39.93 -32.37
N LEU A 343 27.22 -39.32 -33.16
CA LEU A 343 28.25 -40.14 -33.80
C LEU A 343 29.03 -40.86 -32.73
N ASN A 344 29.38 -40.15 -31.66
CA ASN A 344 30.08 -40.81 -30.57
C ASN A 344 29.19 -41.91 -30.02
N PHE A 345 27.88 -41.61 -29.95
CA PHE A 345 26.84 -42.53 -29.50
C PHE A 345 26.57 -42.49 -28.01
N LEU A 346 27.26 -41.61 -27.26
CA LEU A 346 27.07 -41.56 -25.82
C LEU A 346 26.86 -40.13 -25.30
C1 NAG B . -23.00 -4.11 7.27
C2 NAG B . -23.08 -4.41 8.76
C3 NAG B . -23.96 -5.64 9.00
C4 NAG B . -25.32 -5.47 8.34
C5 NAG B . -25.13 -5.14 6.85
C6 NAG B . -26.43 -4.85 6.15
C7 NAG B . -21.36 -4.09 10.49
C8 NAG B . -19.96 -4.41 10.91
N2 NAG B . -21.75 -4.62 9.32
O3 NAG B . -24.13 -5.83 10.40
O4 NAG B . -26.08 -6.67 8.47
O5 NAG B . -24.31 -3.97 6.73
O6 NAG B . -26.26 -4.87 4.73
O7 NAG B . -22.10 -3.37 11.15
H1 NAG B . -22.55 -4.84 6.81
H2 NAG B . -23.50 -3.65 9.21
H3 NAG B . -23.52 -6.43 8.63
H4 NAG B . -25.80 -4.73 8.77
H5 NAG B . -24.69 -5.89 6.42
H61 NAG B . -26.76 -3.97 6.42
H62 NAG B . -27.09 -5.52 6.39
H81 NAG B . -19.33 -4.09 10.24
H82 NAG B . -19.78 -3.98 11.76
H83 NAG B . -19.87 -5.38 11.01
HN2 NAG B . -21.17 -5.14 8.86
HO3 NAG B . -24.60 -5.16 10.74
HO4 NAG B . -26.26 -6.99 7.66
HO6 NAG B . -26.96 -4.47 4.34
C1 NAG C . -8.15 34.17 28.96
C2 NAG C . -6.90 34.55 29.76
C3 NAG C . -6.33 33.35 30.50
C4 NAG C . -7.40 32.70 31.36
C5 NAG C . -8.60 32.32 30.48
C6 NAG C . -9.71 31.67 31.26
C7 NAG C . -4.92 35.93 29.31
C8 NAG C . -4.00 36.47 28.25
N2 NAG C . -5.91 35.13 28.88
O3 NAG C . -5.26 33.82 31.32
O4 NAG C . -6.91 31.53 32.00
O5 NAG C . -9.11 33.51 29.85
O6 NAG C . -10.99 32.09 30.79
O7 NAG C . -4.77 36.20 30.50
H1 NAG C . -7.90 33.56 28.25
H2 NAG C . -7.16 35.22 30.42
H3 NAG C . -5.99 32.70 29.86
H4 NAG C . -7.70 33.34 32.04
H5 NAG C . -8.28 31.71 29.80
H61 NAG C . -9.63 31.91 32.20
H62 NAG C . -9.64 30.71 31.17
H81 NAG C . -3.32 37.02 28.66
H82 NAG C . -4.51 36.99 27.61
H83 NAG C . -3.57 35.72 27.79
HN2 NAG C . -5.97 34.98 27.98
HO3 NAG C . -5.03 33.17 31.89
HO4 NAG C . -6.32 31.13 31.47
HO6 NAG C . -10.90 32.49 30.01
MG MG D . 3.30 10.99 25.44
NA NA E . 22.47 -11.77 -30.70
C10 71C F . 7.52 5.32 18.83
C11 71C F . 6.76 6.44 18.63
C19 71C F . 10.21 4.49 16.03
C20 71C F . 10.99 3.18 16.35
C26 71C F . 14.10 0.23 14.37
C28 71C F . 13.25 -1.95 13.76
C31 71C F . 15.18 0.02 13.52
C32 71C F . 12.14 2.88 15.62
C33 71C F . 10.32 5.91 18.03
C34 71C F . 11.60 5.16 18.68
C35 71C F . 12.83 6.04 18.65
C36 71C F . 13.09 7.11 17.88
O01 71C F . 4.54 7.75 22.00
C02 71C F . 5.62 7.09 22.09
O03 71C F . 6.09 6.98 23.25
C04 71C F . 6.25 6.52 20.99
C05 71C F . 7.02 5.38 21.17
C06 71C F . 7.67 4.77 20.11
C07 71C F . 8.44 3.63 20.30
O08 71C F . 9.29 3.43 21.21
O09 71C F . 8.43 2.59 19.60
C12 71C F . 6.12 7.05 19.71
C13 71C F . 5.28 8.30 19.40
O14 71C F . 4.20 8.30 18.77
O15 71C F . 5.59 9.47 19.75
C16 71C F . 8.21 4.70 17.56
O17 71C F . 7.60 3.96 16.84
N18 71C F . 9.62 5.05 17.23
C21 71C F . 10.55 2.32 17.35
C22 71C F . 11.28 1.15 17.62
C23 71C F . 12.44 0.86 16.90
C24 71C F . 12.87 1.71 15.88
O25 71C F . 14.05 1.46 15.11
C27 71C F . 13.14 -0.76 14.49
C29 71C F . 14.33 -2.14 12.90
C30 71C F . 15.29 -1.16 12.79
C37 71C F . 12.29 7.75 17.07
C38 71C F . 12.23 8.87 16.08
C39 71C F . 11.22 9.25 15.44
C40 71C F . 10.19 8.80 15.50
C41 71C F . 9.88 7.86 16.20
C42 71C F . 10.75 7.16 17.10
#